data_1E38
#
_entry.id   1E38
#
_cell.length_a   51.070
_cell.length_b   57.910
_cell.length_c   75.590
_cell.angle_alpha   90.00
_cell.angle_beta   90.00
_cell.angle_gamma   90.00
#
_symmetry.space_group_name_H-M   'P 21 21 21'
#
loop_
_entity.id
_entity.type
_entity.pdbx_description
1 polymer ELASTASE
2 non-polymer 'CALCIUM ION'
3 non-polymer 'SULFATE ION'
4 non-polymer '(2S,3S)-3-FORMYL-2-({[(4-NITROPHENYL)SULFONYL]AMINO}METHYL)PENTANOIC ACID'
5 water water
#
_entity_poly.entity_id   1
_entity_poly.type   'polypeptide(L)'
_entity_poly.pdbx_seq_one_letter_code
;VVGGTEAQRNSWPSQISLQYRSGSSWAHTCGGTLIRQNWVMTAAHCVDRELTFRVVVGEHNLNQNNGTEQYVGVQKIVVH
PYWNTDDVAAGYDIALLRLAQSVTLNSYVQLGVLPRAGTILANNSPCYITGWGLTRTNGQLAQTLQQAYLPTVDYAICSS
SSYWGSTVKNSMVCAGGDGVRSGCQGDSGGPLHCLVNGQYAVHGVTSFVSRLGCNVTRKPTVFTRVSAYISWINNVIASN
;
_entity_poly.pdbx_strand_id   B
#
# COMPACT_ATOMS: atom_id res chain seq x y z
N VAL A 1 5.73 0.56 9.48
CA VAL A 1 4.89 -0.41 10.25
C VAL A 1 5.30 -0.39 11.75
N VAL A 2 4.35 -0.06 12.59
CA VAL A 2 4.58 -0.04 14.04
C VAL A 2 4.17 -1.43 14.57
N GLY A 3 5.01 -2.00 15.45
CA GLY A 3 4.67 -3.32 16.00
C GLY A 3 4.79 -4.45 15.00
N GLY A 4 5.69 -4.28 14.03
CA GLY A 4 5.86 -5.33 13.02
C GLY A 4 7.01 -6.27 13.37
N THR A 5 7.22 -7.23 12.49
CA THR A 5 8.30 -8.19 12.51
C THR A 5 9.00 -8.12 11.16
N GLU A 6 10.28 -8.44 11.03
CA GLU A 6 10.94 -8.43 9.73
C GLU A 6 10.40 -9.53 8.83
N ALA A 7 9.98 -9.17 7.61
CA ALA A 7 9.46 -10.19 6.72
C ALA A 7 10.60 -11.06 6.17
N GLN A 8 10.25 -12.31 5.83
CA GLN A 8 11.23 -13.14 5.14
C GLN A 8 11.41 -12.55 3.74
N ARG A 9 12.59 -12.62 3.16
CA ARG A 9 12.97 -12.12 1.85
C ARG A 9 12.06 -12.44 0.67
N ASN A 10 11.44 -13.61 0.65
CA ASN A 10 10.59 -14.01 -0.46
C ASN A 10 9.12 -14.18 -0.11
N SER A 11 8.65 -13.54 0.96
CA SER A 11 7.26 -13.70 1.38
C SER A 11 6.29 -12.88 0.57
N TRP A 12 6.67 -11.62 0.25
CA TRP A 12 5.74 -10.68 -0.41
C TRP A 12 6.32 -10.08 -1.67
N PRO A 13 6.50 -10.87 -2.73
CA PRO A 13 7.21 -10.49 -3.92
C PRO A 13 6.58 -9.44 -4.81
N SER A 14 5.31 -9.08 -4.53
CA SER A 14 4.65 -7.99 -5.27
C SER A 14 4.90 -6.65 -4.60
N GLN A 15 5.46 -6.60 -3.40
CA GLN A 15 5.75 -5.32 -2.75
C GLN A 15 6.86 -4.58 -3.45
N ILE A 16 6.65 -3.27 -3.71
CA ILE A 16 7.71 -2.41 -4.26
C ILE A 16 7.94 -1.20 -3.36
N SER A 17 9.12 -0.57 -3.53
CA SER A 17 9.51 0.68 -2.89
C SER A 17 9.45 1.80 -3.95
N LEU A 18 8.67 2.82 -3.65
CA LEU A 18 8.51 3.98 -4.54
C LEU A 18 9.41 5.05 -3.96
N GLN A 19 10.36 5.53 -4.81
CA GLN A 19 11.39 6.43 -4.30
C GLN A 19 11.49 7.71 -5.13
N TYR A 20 11.97 8.81 -4.53
CA TYR A 20 12.17 10.07 -5.28
C TYR A 20 13.63 10.51 -5.22
N ARG A 21 14.05 11.19 -6.29
CA ARG A 21 15.41 11.66 -6.46
C ARG A 21 15.65 12.82 -5.51
N SER A 22 16.73 12.71 -4.73
CA SER A 22 17.13 13.72 -3.77
C SER A 22 18.63 13.98 -3.93
N GLY A 23 18.98 15.08 -4.58
CA GLY A 23 20.40 15.38 -4.84
C GLY A 23 20.88 14.33 -5.85
N SER A 24 21.91 13.56 -5.48
CA SER A 24 22.33 12.47 -6.36
C SER A 24 22.18 11.13 -5.63
N SER A 25 21.17 11.10 -4.75
CA SER A 25 20.79 9.87 -4.07
C SER A 25 19.27 9.74 -4.23
N TRP A 26 18.70 8.67 -3.70
CA TRP A 26 17.27 8.39 -3.82
C TRP A 26 16.69 8.16 -2.43
N ALA A 27 15.43 8.53 -2.23
CA ALA A 27 14.83 8.34 -0.90
C ALA A 27 13.50 7.61 -1.01
N HIS A 28 13.29 6.63 -0.14
CA HIS A 28 11.99 5.94 -0.11
C HIS A 28 10.89 6.88 0.36
N THR A 29 9.72 6.85 -0.31
CA THR A 29 8.59 7.67 0.13
C THR A 29 7.29 6.86 0.33
N CYS A 30 7.11 5.76 -0.39
CA CYS A 30 5.85 5.00 -0.30
C CYS A 30 6.02 3.57 -0.78
N GLY A 31 5.00 2.73 -0.51
CA GLY A 31 5.06 1.39 -1.11
C GLY A 31 4.18 1.40 -2.36
N GLY A 32 4.02 0.22 -2.91
CA GLY A 32 3.12 -0.05 -4.05
C GLY A 32 3.04 -1.58 -4.24
N THR A 33 2.23 -1.98 -5.22
CA THR A 33 2.05 -3.40 -5.58
C THR A 33 2.28 -3.58 -7.08
N LEU A 34 3.17 -4.46 -7.48
CA LEU A 34 3.38 -4.77 -8.91
C LEU A 34 2.15 -5.56 -9.39
N ILE A 35 1.40 -5.04 -10.37
CA ILE A 35 0.20 -5.73 -10.86
C ILE A 35 0.37 -6.22 -12.30
N ARG A 36 1.26 -5.67 -13.09
CA ARG A 36 1.64 -6.17 -14.41
C ARG A 36 3.17 -6.01 -14.46
N GLN A 37 3.86 -6.61 -15.43
CA GLN A 37 5.31 -6.45 -15.51
C GLN A 37 5.69 -4.99 -15.71
N ASN A 38 4.80 -4.15 -16.22
CA ASN A 38 5.07 -2.74 -16.42
C ASN A 38 4.06 -1.82 -15.75
N TRP A 39 3.35 -2.31 -14.70
CA TRP A 39 2.40 -1.44 -14.02
C TRP A 39 2.45 -1.67 -12.48
N VAL A 40 2.46 -0.57 -11.75
CA VAL A 40 2.40 -0.61 -10.29
C VAL A 40 1.14 0.12 -9.81
N MET A 41 0.45 -0.45 -8.82
CA MET A 41 -0.67 0.16 -8.12
C MET A 41 -0.19 0.81 -6.83
N THR A 42 -0.47 2.09 -6.61
CA THR A 42 -0.07 2.78 -5.38
C THR A 42 -1.19 3.74 -4.96
N ALA A 43 -0.88 4.57 -3.95
CA ALA A 43 -1.89 5.58 -3.56
C ALA A 43 -1.69 6.86 -4.38
N ALA A 44 -2.81 7.54 -4.66
CA ALA A 44 -2.71 8.83 -5.33
C ALA A 44 -1.96 9.84 -4.50
N HIS A 45 -2.08 9.87 -3.17
CA HIS A 45 -1.41 10.91 -2.37
C HIS A 45 0.10 10.78 -2.39
N CYS A 46 0.62 9.59 -2.72
CA CYS A 46 2.05 9.35 -2.82
C CYS A 46 2.68 10.10 -4.00
N VAL A 47 1.88 10.44 -5.00
CA VAL A 47 2.43 11.18 -6.14
C VAL A 47 1.87 12.60 -6.23
N ASP A 48 1.43 13.17 -5.13
CA ASP A 48 0.91 14.54 -5.14
C ASP A 48 2.05 15.52 -5.42
N ARG A 49 3.25 15.26 -4.94
CA ARG A 49 4.37 16.18 -5.23
C ARG A 49 4.98 15.92 -6.59
N GLU A 50 5.39 16.97 -7.30
CA GLU A 50 5.96 16.87 -8.63
C GLU A 50 7.45 16.54 -8.55
N LEU A 51 7.75 15.30 -8.20
CA LEU A 51 9.10 14.81 -8.02
C LEU A 51 9.46 13.82 -9.11
N THR A 52 10.75 13.43 -9.15
CA THR A 52 11.18 12.41 -10.12
C THR A 52 11.07 11.07 -9.37
N PHE A 53 10.35 10.12 -9.91
CA PHE A 53 10.16 8.87 -9.17
C PHE A 53 10.77 7.65 -9.84
N ARG A 54 11.14 6.65 -9.02
CA ARG A 54 11.57 5.36 -9.53
C ARG A 54 10.89 4.29 -8.65
N VAL A 55 10.79 3.10 -9.24
CA VAL A 55 10.26 1.93 -8.51
C VAL A 55 11.40 0.94 -8.30
N VAL A 56 11.50 0.32 -7.13
CA VAL A 56 12.49 -0.73 -6.88
C VAL A 56 11.72 -2.00 -6.58
N VAL A 57 11.93 -3.05 -7.39
CA VAL A 57 11.29 -4.34 -7.15
C VAL A 57 12.38 -5.29 -6.63
N GLY A 58 11.99 -6.34 -5.92
CA GLY A 58 12.98 -7.28 -5.38
C GLY A 58 13.77 -6.68 -4.23
N GLU A 59 13.23 -5.64 -3.57
CA GLU A 59 13.94 -5.00 -2.47
C GLU A 59 13.59 -5.59 -1.12
N HIS A 60 14.60 -5.63 -0.22
CA HIS A 60 14.42 -6.06 1.16
C HIS A 60 15.02 -5.04 2.12
N ASN A 61 16.30 -4.69 1.94
CA ASN A 61 17.00 -3.75 2.81
C ASN A 61 17.29 -2.44 2.06
N LEU A 62 16.67 -1.34 2.48
CA LEU A 62 16.85 -0.07 1.78
C LEU A 62 18.28 0.50 1.86
N ASN A 63 19.01 0.15 2.89
CA ASN A 63 20.35 0.70 3.08
C ASN A 63 21.46 -0.22 2.59
N GLN A 64 21.18 -1.40 2.04
CA GLN A 64 22.26 -2.28 1.58
C GLN A 64 21.92 -3.03 0.31
N ASN A 65 22.96 -3.48 -0.42
CA ASN A 65 22.70 -4.26 -1.63
C ASN A 65 22.25 -5.66 -1.20
N ASN A 66 21.10 -6.11 -1.66
CA ASN A 66 20.54 -7.40 -1.37
C ASN A 66 20.87 -8.40 -2.47
N GLY A 67 21.33 -7.91 -3.61
CA GLY A 67 21.68 -8.70 -4.78
C GLY A 67 20.47 -9.21 -5.56
N THR A 68 19.29 -8.61 -5.32
CA THR A 68 18.06 -9.05 -5.97
C THR A 68 17.23 -7.94 -6.58
N GLU A 69 17.65 -6.69 -6.42
CA GLU A 69 16.86 -5.54 -6.88
C GLU A 69 16.90 -5.25 -8.38
N GLN A 70 15.80 -4.67 -8.87
CA GLN A 70 15.72 -4.14 -10.22
C GLN A 70 15.18 -2.71 -10.05
N TYR A 71 15.81 -1.72 -10.67
CA TYR A 71 15.46 -0.32 -10.56
C TYR A 71 14.88 0.17 -11.88
N VAL A 72 13.68 0.75 -11.84
CA VAL A 72 13.06 1.19 -13.11
C VAL A 72 12.39 2.53 -12.96
N GLY A 73 12.52 3.39 -13.98
CA GLY A 73 11.87 4.70 -13.89
C GLY A 73 10.36 4.62 -14.11
N VAL A 74 9.67 5.67 -13.70
CA VAL A 74 8.22 5.80 -13.89
C VAL A 74 7.96 6.64 -15.14
N GLN A 75 7.31 6.05 -16.14
CA GLN A 75 7.09 6.74 -17.41
C GLN A 75 5.78 7.51 -17.46
N LYS A 76 4.73 7.00 -16.84
CA LYS A 76 3.43 7.67 -16.83
C LYS A 76 2.71 7.50 -15.51
N ILE A 77 2.03 8.52 -15.00
CA ILE A 77 1.29 8.44 -13.75
C ILE A 77 -0.19 8.68 -14.03
N VAL A 78 -1.07 7.73 -13.75
CA VAL A 78 -2.51 7.89 -13.94
C VAL A 78 -3.23 7.87 -12.58
N VAL A 79 -3.63 9.03 -12.08
CA VAL A 79 -4.32 9.12 -10.81
C VAL A 79 -5.82 8.99 -11.04
N HIS A 80 -6.55 8.40 -10.10
CA HIS A 80 -8.00 8.32 -10.31
C HIS A 80 -8.51 9.73 -10.57
N PRO A 81 -9.35 9.91 -11.60
CA PRO A 81 -9.87 11.22 -11.93
C PRO A 81 -10.70 11.89 -10.86
N TYR A 82 -11.26 11.16 -9.89
CA TYR A 82 -11.97 11.79 -8.79
C TYR A 82 -11.15 12.11 -7.56
N TRP A 83 -9.82 11.82 -7.54
CA TRP A 83 -8.99 12.13 -6.40
C TRP A 83 -8.87 13.63 -6.10
N ASN A 84 -8.86 13.98 -4.84
CA ASN A 84 -8.69 15.33 -4.33
C ASN A 84 -7.74 15.33 -3.13
N THR A 85 -6.57 15.92 -3.26
CA THR A 85 -5.58 16.02 -2.19
C THR A 85 -6.04 16.67 -0.90
N ASP A 86 -7.02 17.58 -0.95
CA ASP A 86 -7.51 18.21 0.27
C ASP A 86 -8.57 17.38 0.99
N ASP A 87 -9.00 16.25 0.47
CA ASP A 87 -10.02 15.43 1.11
C ASP A 87 -9.66 13.96 0.98
N VAL A 88 -8.64 13.46 1.68
CA VAL A 88 -8.23 12.04 1.61
C VAL A 88 -9.37 11.10 2.03
N ALA A 89 -10.23 11.62 2.89
CA ALA A 89 -11.43 11.04 3.42
C ALA A 89 -12.52 10.89 2.38
N ALA A 90 -12.39 11.55 1.22
CA ALA A 90 -13.39 11.40 0.17
C ALA A 90 -13.17 10.07 -0.57
N GLY A 91 -11.92 9.61 -0.47
CA GLY A 91 -11.61 8.34 -1.13
C GLY A 91 -10.92 8.56 -2.45
N TYR A 92 -10.94 7.56 -3.33
CA TYR A 92 -10.33 7.61 -4.64
C TYR A 92 -8.80 7.74 -4.50
N ASP A 93 -8.24 7.17 -3.42
CA ASP A 93 -6.80 7.26 -3.18
C ASP A 93 -6.09 6.09 -3.83
N ILE A 94 -5.97 6.23 -5.15
CA ILE A 94 -5.38 5.16 -5.94
C ILE A 94 -4.81 5.75 -7.22
N ALA A 95 -3.68 5.20 -7.64
CA ALA A 95 -3.00 5.64 -8.85
C ALA A 95 -2.26 4.46 -9.47
N LEU A 96 -2.10 4.48 -10.79
CA LEU A 96 -1.35 3.45 -11.50
C LEU A 96 -0.14 4.08 -12.17
N LEU A 97 1.01 3.42 -12.02
CA LEU A 97 2.27 3.89 -12.59
C LEU A 97 2.72 2.97 -13.71
N ARG A 98 2.86 3.48 -14.94
CA ARG A 98 3.40 2.68 -16.04
C ARG A 98 4.94 2.80 -15.97
N LEU A 99 5.59 1.65 -15.92
CA LEU A 99 7.05 1.58 -15.80
C LEU A 99 7.73 1.80 -17.16
N ALA A 100 8.91 2.40 -17.11
CA ALA A 100 9.65 2.66 -18.36
C ALA A 100 10.10 1.39 -19.05
N GLN A 101 10.32 0.32 -18.29
CA GLN A 101 10.70 -1.00 -18.75
C GLN A 101 9.90 -2.06 -17.98
N SER A 102 9.64 -3.19 -18.62
CA SER A 102 8.97 -4.31 -17.98
C SER A 102 9.99 -5.04 -17.11
N VAL A 103 9.65 -5.30 -15.86
CA VAL A 103 10.57 -5.99 -14.96
C VAL A 103 10.48 -7.49 -15.18
N THR A 104 11.55 -8.17 -14.82
CA THR A 104 11.68 -9.60 -14.93
C THR A 104 11.14 -10.32 -13.70
N LEU A 105 10.25 -11.28 -13.90
CA LEU A 105 9.67 -12.00 -12.77
C LEU A 105 10.54 -13.14 -12.27
N ASN A 106 10.60 -13.32 -10.95
CA ASN A 106 11.38 -14.37 -10.31
C ASN A 106 10.89 -14.63 -8.90
N SER A 107 11.58 -15.30 -7.99
CA SER A 107 11.02 -15.56 -6.67
C SER A 107 10.96 -14.32 -5.78
N TYR A 108 11.63 -13.23 -6.14
CA TYR A 108 11.61 -11.99 -5.40
C TYR A 108 10.69 -10.96 -6.05
N VAL A 109 10.24 -11.21 -7.29
CA VAL A 109 9.47 -10.27 -8.09
C VAL A 109 8.30 -10.98 -8.75
N GLN A 110 7.07 -10.77 -8.26
CA GLN A 110 5.89 -11.44 -8.79
C GLN A 110 4.70 -10.48 -8.87
N LEU A 111 3.68 -10.80 -9.67
CA LEU A 111 2.50 -9.94 -9.74
C LEU A 111 1.60 -10.19 -8.53
N GLY A 112 0.99 -9.12 -8.02
CA GLY A 112 0.02 -9.25 -6.91
C GLY A 112 -1.32 -9.79 -7.43
N VAL A 113 -1.95 -10.67 -6.64
CA VAL A 113 -3.27 -11.15 -7.12
C VAL A 113 -4.34 -10.24 -6.52
N LEU A 114 -5.26 -9.78 -7.33
CA LEU A 114 -6.31 -8.86 -6.88
C LEU A 114 -7.63 -9.62 -6.70
N PRO A 115 -8.47 -9.16 -5.80
CA PRO A 115 -9.75 -9.80 -5.58
C PRO A 115 -10.74 -9.59 -6.72
N ARG A 116 -11.79 -10.44 -6.72
CA ARG A 116 -12.82 -10.23 -7.74
C ARG A 116 -13.59 -8.97 -7.39
N ALA A 117 -14.09 -8.24 -8.41
CA ALA A 117 -14.85 -7.03 -8.18
C ALA A 117 -16.00 -7.21 -7.20
N GLY A 118 -16.16 -6.27 -6.28
CA GLY A 118 -17.24 -6.26 -5.32
C GLY A 118 -17.02 -7.06 -4.04
N THR A 119 -15.93 -7.80 -3.96
CA THR A 119 -15.67 -8.62 -2.77
C THR A 119 -15.50 -7.78 -1.52
N ILE A 120 -16.25 -8.14 -0.48
CA ILE A 120 -16.14 -7.54 0.85
C ILE A 120 -15.74 -8.63 1.84
N LEU A 121 -14.78 -8.35 2.69
CA LEU A 121 -14.32 -9.30 3.69
C LEU A 121 -15.21 -9.28 4.94
N ALA A 122 -15.44 -10.43 5.55
CA ALA A 122 -16.17 -10.48 6.82
C ALA A 122 -15.34 -9.78 7.91
N ASN A 123 -16.02 -9.26 8.93
CA ASN A 123 -15.33 -8.64 10.06
C ASN A 123 -14.28 -9.58 10.61
N ASN A 124 -13.14 -9.04 11.05
CA ASN A 124 -12.05 -9.79 11.63
C ASN A 124 -11.38 -10.78 10.70
N SER A 125 -11.34 -10.49 9.39
CA SER A 125 -10.64 -11.38 8.45
C SER A 125 -9.13 -11.23 8.57
N PRO A 126 -8.36 -12.29 8.39
CA PRO A 126 -6.92 -12.30 8.51
C PRO A 126 -6.17 -11.58 7.39
N CYS A 127 -5.44 -10.51 7.75
CA CYS A 127 -4.65 -9.77 6.76
C CYS A 127 -3.33 -9.33 7.38
N TYR A 128 -2.37 -9.03 6.50
CA TYR A 128 -1.06 -8.50 6.87
C TYR A 128 -0.73 -7.21 6.09
N ILE A 129 -0.23 -6.21 6.81
CA ILE A 129 0.27 -5.00 6.15
C ILE A 129 1.77 -5.19 5.99
N THR A 130 2.39 -4.72 4.90
CA THR A 130 3.83 -4.75 4.71
C THR A 130 4.36 -3.37 4.27
N GLY A 131 5.60 -3.06 4.64
CA GLY A 131 6.23 -1.80 4.23
C GLY A 131 7.45 -1.40 5.02
N TRP A 132 8.12 -0.35 4.53
CA TRP A 132 9.32 0.22 5.16
C TRP A 132 8.98 1.52 5.89
N GLY A 133 7.74 1.82 6.18
CA GLY A 133 7.30 3.03 6.87
C GLY A 133 7.84 3.11 8.30
N LEU A 134 7.53 4.26 8.94
CA LEU A 134 8.02 4.49 10.31
C LEU A 134 7.69 3.31 11.24
N THR A 135 8.66 3.02 12.14
CA THR A 135 8.47 1.93 13.09
C THR A 135 7.89 2.41 14.40
N ARG A 136 7.74 3.71 14.54
CA ARG A 136 7.09 4.34 15.67
C ARG A 136 6.49 5.67 15.23
N THR A 137 5.42 6.14 15.86
CA THR A 137 4.88 7.46 15.61
C THR A 137 6.00 8.49 15.77
N ASN A 138 6.23 9.34 14.79
CA ASN A 138 7.30 10.35 14.81
C ASN A 138 8.67 9.70 14.88
N GLY A 139 8.81 8.48 14.35
CA GLY A 139 10.05 7.75 14.31
C GLY A 139 10.76 7.83 12.97
N GLN A 140 11.40 6.70 12.64
CA GLN A 140 12.16 6.65 11.39
C GLN A 140 11.77 5.39 10.58
N LEU A 141 12.04 5.52 9.28
CA LEU A 141 11.78 4.40 8.40
C LEU A 141 12.55 3.16 8.84
N ALA A 142 12.00 2.01 8.44
CA ALA A 142 12.65 0.74 8.67
C ALA A 142 13.73 0.56 7.60
N GLN A 143 14.79 -0.17 7.97
CA GLN A 143 15.78 -0.60 6.99
C GLN A 143 15.28 -1.84 6.27
N THR A 144 14.76 -2.83 7.00
CA THR A 144 14.28 -4.06 6.37
C THR A 144 12.76 -4.11 6.27
N LEU A 145 12.23 -4.74 5.21
CA LEU A 145 10.77 -4.80 5.05
C LEU A 145 10.10 -5.40 6.27
N GLN A 146 9.04 -4.77 6.77
CA GLN A 146 8.29 -5.17 7.93
C GLN A 146 6.90 -5.67 7.58
N GLN A 147 6.36 -6.56 8.43
CA GLN A 147 5.00 -7.06 8.26
C GLN A 147 4.28 -7.03 9.62
N ALA A 148 2.97 -6.83 9.64
CA ALA A 148 2.20 -6.86 10.87
C ALA A 148 0.80 -7.44 10.58
N TYR A 149 0.36 -8.31 11.49
CA TYR A 149 -0.99 -8.88 11.39
C TYR A 149 -2.02 -7.84 11.81
N LEU A 150 -2.93 -7.51 10.90
CA LEU A 150 -3.99 -6.53 11.13
C LEU A 150 -5.33 -7.09 10.62
N PRO A 151 -6.13 -7.64 11.52
CA PRO A 151 -7.45 -8.16 11.13
C PRO A 151 -8.39 -7.07 10.69
N THR A 152 -9.30 -7.32 9.73
CA THR A 152 -10.21 -6.29 9.26
C THR A 152 -11.24 -5.91 10.33
N VAL A 153 -11.73 -4.70 10.18
CA VAL A 153 -12.78 -4.08 10.96
C VAL A 153 -13.84 -3.68 9.93
N ASP A 154 -15.01 -4.35 9.90
CA ASP A 154 -15.99 -4.06 8.86
C ASP A 154 -16.53 -2.64 8.87
N TYR A 155 -17.19 -2.29 7.77
CA TYR A 155 -17.74 -0.95 7.57
C TYR A 155 -18.63 -0.47 8.70
N ALA A 156 -19.60 -1.27 9.12
CA ALA A 156 -20.50 -0.87 10.21
C ALA A 156 -19.75 -0.47 11.47
N ILE A 157 -18.72 -1.24 11.86
CA ILE A 157 -17.94 -0.89 13.04
C ILE A 157 -17.01 0.30 12.78
N CYS A 158 -16.34 0.27 11.63
CA CYS A 158 -15.33 1.29 11.32
C CYS A 158 -15.88 2.70 11.17
N SER A 159 -17.11 2.78 10.65
CA SER A 159 -17.75 4.08 10.44
C SER A 159 -18.61 4.48 11.64
N SER A 160 -18.51 3.77 12.75
CA SER A 160 -19.28 4.12 13.95
C SER A 160 -18.59 5.31 14.60
N SER A 161 -19.31 6.09 15.41
CA SER A 161 -18.78 7.26 16.08
C SER A 161 -17.52 7.12 16.89
N SER A 162 -17.24 6.03 17.59
CA SER A 162 -16.02 5.91 18.39
C SER A 162 -14.81 5.47 17.56
N TYR A 163 -15.04 5.04 16.33
CA TYR A 163 -13.94 4.66 15.43
C TYR A 163 -13.66 5.85 14.52
N TRP A 164 -13.89 5.74 13.21
CA TRP A 164 -13.62 6.82 12.27
C TRP A 164 -14.83 7.66 11.88
N GLY A 165 -16.03 7.24 12.29
CA GLY A 165 -17.24 7.97 11.94
C GLY A 165 -17.43 8.11 10.44
N SER A 166 -17.92 9.26 9.97
CA SER A 166 -18.17 9.54 8.58
C SER A 166 -16.92 9.66 7.71
N THR A 167 -15.75 9.72 8.32
CA THR A 167 -14.49 9.82 7.60
C THR A 167 -14.23 8.55 6.79
N VAL A 168 -14.67 7.39 7.26
CA VAL A 168 -14.52 6.13 6.51
C VAL A 168 -15.70 5.90 5.59
N LYS A 169 -15.45 5.47 4.35
CA LYS A 169 -16.45 5.20 3.34
C LYS A 169 -16.48 3.71 3.00
N ASN A 170 -17.54 3.26 2.32
CA ASN A 170 -17.63 1.83 1.96
C ASN A 170 -16.68 1.44 0.84
N SER A 171 -16.00 2.41 0.23
CA SER A 171 -14.96 2.24 -0.76
C SER A 171 -13.60 2.02 -0.11
N MET A 172 -13.56 1.87 1.20
CA MET A 172 -12.32 1.69 1.95
C MET A 172 -12.40 0.42 2.81
N VAL A 173 -11.21 -0.09 3.17
CA VAL A 173 -11.08 -1.22 4.10
C VAL A 173 -10.38 -0.70 5.36
N CYS A 174 -10.89 -1.06 6.53
CA CYS A 174 -10.21 -0.74 7.77
C CYS A 174 -9.56 -2.02 8.33
N ALA A 175 -8.40 -1.85 8.96
CA ALA A 175 -7.75 -3.03 9.54
C ALA A 175 -6.89 -2.65 10.73
N GLY A 176 -6.90 -3.47 11.79
CA GLY A 176 -6.08 -3.18 12.97
C GLY A 176 -6.88 -2.40 14.03
N GLY A 177 -6.23 -1.39 14.58
CA GLY A 177 -6.83 -0.52 15.59
C GLY A 177 -6.59 -1.00 17.02
N ASP A 178 -5.61 -1.86 17.26
CA ASP A 178 -5.42 -2.39 18.61
C ASP A 178 -4.56 -1.51 19.50
N GLY A 179 -4.02 -0.42 18.96
CA GLY A 179 -3.16 0.47 19.73
C GLY A 179 -1.71 0.03 19.72
N VAL A 180 -1.35 -1.11 19.14
CA VAL A 180 0.03 -1.60 19.16
C VAL A 180 0.60 -1.73 17.75
N ARG A 181 -0.20 -2.29 16.85
CA ARG A 181 0.21 -2.55 15.47
C ARG A 181 -0.49 -1.65 14.47
N SER A 182 0.22 -1.17 13.44
CA SER A 182 -0.45 -0.30 12.47
C SER A 182 0.47 0.04 11.31
N GLY A 183 -0.14 0.63 10.25
CA GLY A 183 0.76 1.24 9.24
C GLY A 183 1.23 2.59 9.83
N CYS A 184 2.17 3.20 9.14
CA CYS A 184 2.73 4.51 9.56
C CYS A 184 3.27 5.24 8.35
N GLN A 185 3.71 6.50 8.48
CA GLN A 185 4.16 7.24 7.29
C GLN A 185 5.26 6.52 6.52
N GLY A 186 5.08 6.46 5.19
CA GLY A 186 6.00 5.73 4.32
C GLY A 186 5.44 4.33 3.99
N ASP A 187 4.38 3.88 4.66
CA ASP A 187 3.76 2.60 4.27
C ASP A 187 2.69 2.87 3.23
N SER A 188 2.19 4.11 3.14
CA SER A 188 1.16 4.44 2.17
C SER A 188 1.47 3.96 0.75
N GLY A 189 0.36 3.56 0.09
CA GLY A 189 0.53 3.05 -1.26
C GLY A 189 0.73 1.56 -1.37
N GLY A 190 1.29 0.96 -0.30
CA GLY A 190 1.58 -0.48 -0.31
C GLY A 190 0.33 -1.34 -0.14
N PRO A 191 0.57 -2.65 -0.12
CA PRO A 191 -0.51 -3.61 0.00
C PRO A 191 -0.98 -3.97 1.40
N LEU A 192 -2.26 -4.34 1.45
CA LEU A 192 -2.86 -5.08 2.57
C LEU A 192 -3.15 -6.49 1.94
N HIS A 193 -2.47 -7.51 2.43
CA HIS A 193 -2.64 -8.86 1.86
C HIS A 193 -3.59 -9.66 2.75
N CYS A 194 -4.69 -10.19 2.22
CA CYS A 194 -5.63 -10.93 3.06
C CYS A 194 -5.83 -12.36 2.52
N LEU A 195 -5.87 -13.32 3.45
CA LEU A 195 -5.99 -14.75 3.07
C LEU A 195 -7.42 -15.13 2.79
N VAL A 196 -7.75 -15.52 1.55
CA VAL A 196 -9.09 -15.88 1.13
C VAL A 196 -9.06 -17.12 0.24
N ASN A 197 -9.76 -18.19 0.62
CA ASN A 197 -9.76 -19.44 -0.16
C ASN A 197 -8.34 -19.98 -0.35
N GLY A 198 -7.49 -19.90 0.68
CA GLY A 198 -6.15 -20.40 0.62
C GLY A 198 -5.11 -19.56 -0.08
N GLN A 199 -5.48 -18.43 -0.67
CA GLN A 199 -4.53 -17.59 -1.41
C GLN A 199 -4.50 -16.17 -0.85
N TYR A 200 -3.32 -15.57 -0.73
CA TYR A 200 -3.29 -14.17 -0.29
C TYR A 200 -3.65 -13.30 -1.50
N ALA A 201 -4.50 -12.29 -1.33
CA ALA A 201 -4.82 -11.36 -2.40
C ALA A 201 -4.68 -9.94 -1.81
N VAL A 202 -4.38 -8.99 -2.69
CA VAL A 202 -4.20 -7.60 -2.21
C VAL A 202 -5.55 -6.89 -2.21
N HIS A 203 -6.13 -6.81 -0.99
CA HIS A 203 -7.44 -6.18 -0.83
C HIS A 203 -7.38 -4.69 -0.53
N GLY A 204 -6.23 -4.18 -0.05
CA GLY A 204 -6.15 -2.74 0.24
C GLY A 204 -4.89 -2.07 -0.28
N VAL A 205 -5.00 -0.76 -0.51
CA VAL A 205 -3.88 0.13 -0.80
C VAL A 205 -3.77 1.09 0.40
N THR A 206 -2.69 1.01 1.20
CA THR A 206 -2.58 1.85 2.41
C THR A 206 -2.80 3.33 2.12
N SER A 207 -3.71 3.95 2.90
CA SER A 207 -4.07 5.34 2.65
C SER A 207 -3.85 6.32 3.80
N PHE A 208 -4.38 6.02 4.97
CA PHE A 208 -4.18 6.97 6.09
C PHE A 208 -4.29 6.39 7.48
N VAL A 209 -3.76 7.13 8.44
CA VAL A 209 -3.84 6.86 9.86
C VAL A 209 -4.28 8.19 10.54
N SER A 210 -4.57 8.08 11.83
CA SER A 210 -4.97 9.24 12.63
C SER A 210 -3.91 10.34 12.66
N ARG A 211 -4.36 11.59 12.80
CA ARG A 211 -3.43 12.69 13.02
C ARG A 211 -2.82 12.59 14.42
N LEU A 212 -3.43 11.88 15.34
CA LEU A 212 -2.93 11.65 16.69
C LEU A 212 -1.70 10.75 16.73
N GLY A 213 -1.58 9.81 15.78
CA GLY A 213 -0.43 8.93 15.71
C GLY A 213 -0.81 7.70 14.87
N CYS A 214 0.20 6.86 14.66
CA CYS A 214 0.00 5.68 13.82
C CYS A 214 -0.82 4.60 14.51
N ASN A 215 -0.29 4.09 15.62
CA ASN A 215 -0.94 3.06 16.42
C ASN A 215 -1.81 3.69 17.50
N VAL A 216 -3.07 3.91 17.20
CA VAL A 216 -4.04 4.57 18.09
C VAL A 216 -5.25 3.66 18.25
N THR A 217 -5.63 3.35 19.49
CA THR A 217 -6.78 2.47 19.73
C THR A 217 -8.06 3.00 19.12
N ARG A 218 -8.75 2.13 18.38
CA ARG A 218 -9.98 2.47 17.68
C ARG A 218 -9.77 3.45 16.53
N LYS A 219 -8.52 3.51 16.01
CA LYS A 219 -8.29 4.29 14.79
C LYS A 219 -7.51 3.33 13.88
N PRO A 220 -8.17 2.32 13.35
CA PRO A 220 -7.49 1.32 12.52
C PRO A 220 -6.85 2.00 11.33
N THR A 221 -5.82 1.36 10.76
CA THR A 221 -5.25 1.86 9.50
C THR A 221 -6.33 1.75 8.42
N VAL A 222 -6.41 2.74 7.54
CA VAL A 222 -7.42 2.81 6.48
C VAL A 222 -6.78 2.65 5.11
N PHE A 223 -7.41 1.81 4.29
CA PHE A 223 -6.93 1.45 2.97
C PHE A 223 -7.98 1.66 1.88
N THR A 224 -7.53 2.01 0.69
CA THR A 224 -8.48 2.03 -0.46
C THR A 224 -8.90 0.58 -0.76
N ARG A 225 -10.19 0.29 -0.92
CA ARG A 225 -10.67 -1.06 -1.20
C ARG A 225 -10.43 -1.43 -2.66
N VAL A 226 -9.44 -2.28 -2.94
CA VAL A 226 -9.08 -2.64 -4.29
C VAL A 226 -10.26 -3.19 -5.08
N SER A 227 -11.12 -4.00 -4.45
CA SER A 227 -12.25 -4.60 -5.18
C SER A 227 -13.31 -3.62 -5.64
N ALA A 228 -13.28 -2.38 -5.19
CA ALA A 228 -14.19 -1.37 -5.73
C ALA A 228 -13.66 -0.75 -7.01
N TYR A 229 -12.39 -0.95 -7.36
CA TYR A 229 -11.76 -0.29 -8.49
C TYR A 229 -11.31 -1.22 -9.60
N ILE A 230 -11.76 -2.50 -9.62
CA ILE A 230 -11.33 -3.44 -10.65
C ILE A 230 -11.63 -2.97 -12.07
N SER A 231 -12.83 -2.43 -12.36
CA SER A 231 -13.10 -1.96 -13.71
C SER A 231 -12.21 -0.76 -14.08
N TRP A 232 -12.02 0.16 -13.16
CA TRP A 232 -11.14 1.31 -13.42
C TRP A 232 -9.74 0.83 -13.76
N ILE A 233 -9.15 -0.05 -12.95
CA ILE A 233 -7.82 -0.60 -13.19
C ILE A 233 -7.70 -1.24 -14.55
N ASN A 234 -8.63 -2.13 -14.91
CA ASN A 234 -8.63 -2.77 -16.21
C ASN A 234 -8.81 -1.75 -17.34
N ASN A 235 -9.66 -0.77 -17.14
CA ASN A 235 -9.85 0.27 -18.15
C ASN A 235 -8.55 1.07 -18.38
N VAL A 236 -7.78 1.40 -17.34
CA VAL A 236 -6.56 2.18 -17.55
C VAL A 236 -5.51 1.37 -18.27
N ILE A 237 -5.32 0.12 -17.83
CA ILE A 237 -4.29 -0.76 -18.39
C ILE A 237 -4.59 -1.05 -19.85
N ALA A 238 -5.87 -1.22 -20.19
CA ALA A 238 -6.26 -1.48 -21.56
C ALA A 238 -6.17 -0.27 -22.49
N SER A 239 -6.26 0.95 -21.98
CA SER A 239 -6.22 2.12 -22.86
C SER A 239 -4.90 2.87 -22.86
N ASN A 240 -3.88 2.24 -22.31
CA ASN A 240 -2.52 2.75 -22.26
C ASN A 240 -1.62 1.60 -22.71
#